data_8YT5
#
_entry.id   8YT5
#
_cell.length_a   69.271
_cell.length_b   69.271
_cell.length_c   88.463
_cell.angle_alpha   90.00
_cell.angle_beta   90.00
_cell.angle_gamma   120.00
#
_symmetry.space_group_name_H-M   'P 32 2 1'
#
loop_
_entity.id
_entity.type
_entity.pdbx_description
1 polymer "bis(5'-nucleosyl)-tetraphosphatase (symmetrical)"
2 non-polymer "ADENOSINE-5'-DIPHOSPHATE"
3 non-polymer 'FE (III) ION'
4 water water
#
_entity_poly.entity_id   1
_entity_poly.type   'polypeptide(L)'
_entity_poly.pdbx_seq_one_letter_code
;MSYQDYINCSREALLEKMAELLPEKRLTHCLGVERAAMELAQRFGVDVEKASLAGLLHDYAKKLSDQEFLVLIDRYQLDP
DLKNWGNNVWHGMVGIYKIQEDLDLHDSEILRAIEIHTVGAGQMTDLDKVIYVADYIEHNRAFPGVDVAREIASLSLNKA
VAYETARTVEYLAHQGFPIYPQTLETYNAFVHYLKEDLEENLYFQGHHHHHHHHHH
;
_entity_poly.pdbx_strand_id   A
#
loop_
_chem_comp.id
_chem_comp.type
_chem_comp.name
_chem_comp.formula
ADP non-polymer ADENOSINE-5'-DIPHOSPHATE 'C10 H15 N5 O10 P2'
FE non-polymer 'FE (III) ION' 'Fe 3'
#
# COMPACT_ATOMS: atom_id res chain seq x y z
N SER A 2 -20.46 3.03 -4.95
CA SER A 2 -19.86 1.97 -5.81
C SER A 2 -18.46 2.37 -6.23
N TYR A 3 -17.66 1.39 -6.65
CA TYR A 3 -16.31 1.67 -7.14
C TYR A 3 -16.32 2.58 -8.37
N GLN A 4 -17.40 2.51 -9.16
CA GLN A 4 -17.56 3.37 -10.34
C GLN A 4 -17.63 4.85 -10.00
N ASP A 5 -17.85 5.17 -8.73
CA ASP A 5 -17.78 6.57 -8.29
C ASP A 5 -16.37 7.13 -8.31
N TYR A 6 -15.37 6.24 -8.37
CA TYR A 6 -13.96 6.63 -8.35
C TYR A 6 -13.17 6.19 -9.57
N ILE A 7 -13.57 5.09 -10.18
CA ILE A 7 -12.84 4.54 -11.33
C ILE A 7 -13.79 4.32 -12.51
N ASN A 8 -13.20 3.94 -13.65
CA ASN A 8 -13.94 3.90 -14.91
C ASN A 8 -14.57 2.53 -15.22
N CYS A 9 -14.72 1.68 -14.21
CA CYS A 9 -15.38 0.39 -14.39
C CYS A 9 -15.91 -0.12 -13.06
N SER A 10 -16.74 -1.16 -13.13
CA SER A 10 -17.30 -1.79 -11.94
C SER A 10 -16.23 -2.59 -11.20
N ARG A 11 -16.54 -2.97 -9.96
CA ARG A 11 -15.65 -3.81 -9.20
C ARG A 11 -15.40 -5.15 -9.92
N GLU A 12 -16.46 -5.77 -10.43
CA GLU A 12 -16.29 -7.02 -11.15
C GLU A 12 -15.41 -6.84 -12.37
N ALA A 13 -15.61 -5.75 -13.12
CA ALA A 13 -14.79 -5.52 -14.29
C ALA A 13 -13.34 -5.27 -13.88
N LEU A 14 -13.14 -4.56 -12.77
CA LEU A 14 -11.79 -4.34 -12.26
C LEU A 14 -11.10 -5.66 -11.93
N LEU A 15 -11.83 -6.56 -11.28
CA LEU A 15 -11.27 -7.85 -10.90
C LEU A 15 -10.84 -8.67 -12.11
N GLU A 16 -11.60 -8.56 -13.20
CA GLU A 16 -11.25 -9.26 -14.43
C GLU A 16 -9.99 -8.66 -15.01
N LYS A 17 -9.86 -7.34 -14.96
CA LYS A 17 -8.65 -6.72 -15.47
C LYS A 17 -7.46 -7.11 -14.63
N MET A 18 -7.61 -7.10 -13.31
CA MET A 18 -6.49 -7.39 -12.43
C MET A 18 -6.04 -8.85 -12.55
N ALA A 19 -6.99 -9.73 -12.86
CA ALA A 19 -6.66 -11.15 -13.03
C ALA A 19 -5.74 -11.37 -14.23
N GLU A 20 -5.78 -10.45 -15.19
CA GLU A 20 -4.89 -10.56 -16.33
C GLU A 20 -3.52 -9.96 -16.03
N LEU A 21 -3.47 -9.02 -15.09
CA LEU A 21 -2.24 -8.30 -14.76
C LEU A 21 -1.39 -8.95 -13.68
N LEU A 22 -2.02 -9.71 -12.80
CA LEU A 22 -1.36 -10.22 -11.60
C LEU A 22 -1.46 -11.72 -11.49
N PRO A 23 -0.42 -12.36 -10.91
CA PRO A 23 -0.52 -13.78 -10.56
C PRO A 23 -1.64 -14.00 -9.55
N GLU A 24 -2.21 -15.20 -9.55
CA GLU A 24 -3.31 -15.54 -8.64
C GLU A 24 -3.01 -15.15 -7.20
N LYS A 25 -1.84 -15.54 -6.70
CA LYS A 25 -1.45 -15.26 -5.32
C LYS A 25 -1.50 -13.77 -5.00
N ARG A 26 -1.07 -12.94 -5.96
CA ARG A 26 -1.07 -11.50 -5.78
C ARG A 26 -2.49 -10.92 -5.78
N LEU A 27 -3.36 -11.43 -6.66
CA LEU A 27 -4.75 -10.96 -6.66
C LEU A 27 -5.46 -11.37 -5.38
N THR A 28 -5.21 -12.61 -4.94
CA THR A 28 -5.75 -13.09 -3.68
C THR A 28 -5.31 -12.19 -2.52
N HIS A 29 -4.04 -11.77 -2.55
CA HIS A 29 -3.54 -10.82 -1.55
C HIS A 29 -4.31 -9.50 -1.62
N CYS A 30 -4.53 -9.00 -2.82
CA CYS A 30 -5.25 -7.74 -2.99
C CYS A 30 -6.67 -7.83 -2.45
N LEU A 31 -7.34 -8.95 -2.70
CA LEU A 31 -8.65 -9.21 -2.12
C LEU A 31 -8.62 -9.26 -0.60
N GLY A 32 -7.56 -9.85 -0.05
CA GLY A 32 -7.38 -9.87 1.41
C GLY A 32 -7.21 -8.47 1.97
N VAL A 33 -6.44 -7.63 1.27
CA VAL A 33 -6.23 -6.25 1.69
C VAL A 33 -7.54 -5.44 1.59
N GLU A 34 -8.31 -5.67 0.53
CA GLU A 34 -9.63 -5.07 0.39
C GLU A 34 -10.48 -5.32 1.64
N ARG A 35 -10.54 -6.56 2.08
CA ARG A 35 -11.33 -6.95 3.24
C ARG A 35 -10.75 -6.36 4.53
N ALA A 36 -9.44 -6.50 4.71
CA ALA A 36 -8.79 -6.00 5.92
C ALA A 36 -8.89 -4.49 6.04
N ALA A 37 -8.81 -3.79 4.91
CA ALA A 37 -8.94 -2.34 4.92
C ALA A 37 -10.34 -1.92 5.34
N MET A 38 -11.36 -2.65 4.87
N MET A 38 -11.36 -2.67 4.89
CA MET A 38 -12.74 -2.37 5.29
CA MET A 38 -12.74 -2.40 5.28
C MET A 38 -12.89 -2.49 6.81
C MET A 38 -12.90 -2.51 6.80
N GLU A 39 -12.37 -3.58 7.37
CA GLU A 39 -12.49 -3.81 8.82
C GLU A 39 -11.76 -2.76 9.63
N LEU A 40 -10.55 -2.41 9.21
CA LEU A 40 -9.79 -1.37 9.89
C LEU A 40 -10.47 -0.01 9.79
N ALA A 41 -11.04 0.30 8.62
CA ALA A 41 -11.69 1.59 8.42
C ALA A 41 -12.93 1.72 9.31
N GLN A 42 -13.66 0.61 9.46
CA GLN A 42 -14.79 0.57 10.39
C GLN A 42 -14.31 0.89 11.81
N ARG A 43 -13.19 0.27 12.21
CA ARG A 43 -12.64 0.44 13.55
C ARG A 43 -12.15 1.85 13.86
N PHE A 44 -11.55 2.51 12.86
CA PHE A 44 -10.80 3.74 13.11
C PHE A 44 -11.36 4.98 12.41
N GLY A 45 -12.60 4.90 11.95
CA GLY A 45 -13.33 6.06 11.42
C GLY A 45 -12.86 6.57 10.07
N VAL A 46 -12.62 5.64 9.16
CA VAL A 46 -12.23 5.94 7.79
C VAL A 46 -13.35 5.43 6.86
N ASP A 47 -13.63 6.19 5.81
CA ASP A 47 -14.58 5.78 4.77
C ASP A 47 -14.28 4.35 4.30
N VAL A 48 -15.21 3.42 4.57
CA VAL A 48 -14.97 2.01 4.25
C VAL A 48 -14.81 1.77 2.75
N GLU A 49 -15.48 2.59 1.93
CA GLU A 49 -15.42 2.43 0.49
C GLU A 49 -14.07 2.88 -0.06
N LYS A 50 -13.59 4.04 0.38
CA LYS A 50 -12.27 4.50 -0.05
C LYS A 50 -11.20 3.51 0.42
N ALA A 51 -11.36 2.98 1.63
CA ALA A 51 -10.41 2.02 2.17
C ALA A 51 -10.42 0.71 1.40
N SER A 52 -11.61 0.19 1.11
CA SER A 52 -11.72 -1.05 0.35
C SER A 52 -11.12 -0.92 -1.05
N LEU A 53 -11.45 0.17 -1.74
CA LEU A 53 -10.95 0.38 -3.10
C LEU A 53 -9.42 0.56 -3.11
N ALA A 54 -8.92 1.40 -2.21
CA ALA A 54 -7.47 1.58 -2.13
C ALA A 54 -6.79 0.26 -1.76
N GLY A 55 -7.42 -0.52 -0.87
CA GLY A 55 -6.90 -1.83 -0.50
C GLY A 55 -6.79 -2.78 -1.67
N LEU A 56 -7.86 -2.85 -2.47
CA LEU A 56 -7.86 -3.75 -3.62
C LEU A 56 -6.80 -3.32 -4.65
N LEU A 57 -6.66 -2.01 -4.84
CA LEU A 57 -5.77 -1.47 -5.86
C LEU A 57 -4.31 -1.36 -5.47
N HIS A 58 -3.98 -1.56 -4.20
CA HIS A 58 -2.68 -1.08 -3.71
C HIS A 58 -1.50 -1.73 -4.45
N ASP A 59 -1.64 -3.00 -4.84
CA ASP A 59 -0.59 -3.71 -5.57
C ASP A 59 -0.90 -3.91 -7.05
N TYR A 60 -1.79 -3.09 -7.60
CA TYR A 60 -2.16 -3.14 -9.03
C TYR A 60 -0.95 -3.12 -9.98
N ALA A 61 0.08 -2.35 -9.61
CA ALA A 61 1.25 -2.16 -10.48
C ALA A 61 2.43 -3.04 -10.08
N LYS A 62 2.20 -4.05 -9.26
CA LYS A 62 3.29 -4.89 -8.75
C LYS A 62 4.13 -5.56 -9.86
N LYS A 63 3.50 -5.85 -10.99
CA LYS A 63 4.17 -6.57 -12.07
C LYS A 63 4.61 -5.74 -13.27
N LEU A 64 4.53 -4.41 -13.16
CA LEU A 64 5.06 -3.56 -14.24
C LEU A 64 6.56 -3.75 -14.34
N SER A 65 7.08 -3.71 -15.56
CA SER A 65 8.51 -3.91 -15.76
C SER A 65 9.31 -2.68 -15.28
N ASP A 66 10.59 -2.90 -15.02
CA ASP A 66 11.50 -1.81 -14.66
C ASP A 66 11.46 -0.69 -15.69
N GLN A 67 11.51 -1.05 -16.97
CA GLN A 67 11.47 -0.08 -18.02
C GLN A 67 10.19 0.75 -18.01
N GLU A 68 9.06 0.11 -17.74
CA GLU A 68 7.80 0.84 -17.62
C GLU A 68 7.83 1.86 -16.49
N PHE A 69 8.40 1.47 -15.35
CA PHE A 69 8.51 2.42 -14.24
C PHE A 69 9.42 3.60 -14.57
N LEU A 70 10.55 3.33 -15.22
CA LEU A 70 11.48 4.39 -15.59
C LEU A 70 10.84 5.37 -16.57
N VAL A 71 10.02 4.83 -17.47
CA VAL A 71 9.28 5.66 -18.42
C VAL A 71 8.28 6.55 -17.67
N LEU A 72 7.62 5.99 -16.66
CA LEU A 72 6.68 6.76 -15.86
C LEU A 72 7.38 7.85 -15.06
N ILE A 73 8.57 7.56 -14.54
CA ILE A 73 9.33 8.56 -13.79
C ILE A 73 9.64 9.76 -14.70
N ASP A 74 10.09 9.51 -15.91
CA ASP A 74 10.39 10.58 -16.87
C ASP A 74 9.15 11.34 -17.29
N ARG A 75 8.12 10.59 -17.68
N ARG A 75 8.12 10.59 -17.68
CA ARG A 75 6.88 11.17 -18.17
CA ARG A 75 6.88 11.18 -18.18
C ARG A 75 6.25 12.14 -17.17
C ARG A 75 6.23 12.12 -17.17
N TYR A 76 6.18 11.73 -15.90
CA TYR A 76 5.60 12.57 -14.87
C TYR A 76 6.62 13.43 -14.12
N GLN A 77 7.87 13.38 -14.57
CA GLN A 77 8.98 14.17 -13.99
C GLN A 77 9.01 14.03 -12.47
N LEU A 78 9.03 12.78 -12.03
CA LEU A 78 9.10 12.47 -10.62
C LEU A 78 10.53 12.63 -10.14
N ASP A 79 10.72 12.60 -8.82
CA ASP A 79 12.04 12.66 -8.21
C ASP A 79 13.04 11.78 -8.96
N PRO A 80 14.09 12.38 -9.57
CA PRO A 80 15.05 11.57 -10.31
C PRO A 80 15.80 10.53 -9.48
N ASP A 81 15.89 10.75 -8.16
CA ASP A 81 16.49 9.75 -7.28
C ASP A 81 15.73 8.41 -7.34
N LEU A 82 14.45 8.44 -7.73
CA LEU A 82 13.70 7.18 -7.84
C LEU A 82 14.35 6.16 -8.76
N LYS A 83 15.12 6.62 -9.76
CA LYS A 83 15.78 5.70 -10.68
C LYS A 83 16.85 4.85 -9.99
N ASN A 84 17.27 5.24 -8.80
CA ASN A 84 18.26 4.47 -8.04
C ASN A 84 17.68 3.28 -7.27
N TRP A 85 16.36 3.12 -7.31
CA TRP A 85 15.69 2.08 -6.52
C TRP A 85 15.07 1.05 -7.45
N GLY A 86 13.96 0.43 -7.03
CA GLY A 86 13.38 -0.66 -7.80
C GLY A 86 11.92 -0.88 -7.46
N ASN A 87 11.43 -2.04 -7.88
CA ASN A 87 10.02 -2.37 -7.80
C ASN A 87 9.42 -2.10 -6.41
N ASN A 88 10.14 -2.46 -5.35
CA ASN A 88 9.65 -2.26 -3.99
C ASN A 88 9.19 -0.82 -3.74
N VAL A 89 10.02 0.13 -4.12
CA VAL A 89 9.68 1.55 -4.01
C VAL A 89 8.68 1.94 -5.11
N TRP A 90 8.93 1.47 -6.33
CA TRP A 90 8.19 1.98 -7.48
C TRP A 90 6.72 1.60 -7.51
N HIS A 91 6.38 0.37 -7.10
CA HIS A 91 5.04 -0.13 -7.46
C HIS A 91 3.94 0.68 -6.82
N GLY A 92 4.20 1.23 -5.64
CA GLY A 92 3.31 2.22 -5.05
C GLY A 92 3.63 3.66 -5.48
N MET A 93 4.87 4.08 -5.26
CA MET A 93 5.24 5.50 -5.44
C MET A 93 5.10 5.98 -6.87
N VAL A 94 5.38 5.09 -7.82
CA VAL A 94 5.29 5.40 -9.25
C VAL A 94 4.06 4.74 -9.87
N GLY A 95 3.69 3.56 -9.36
CA GLY A 95 2.57 2.80 -9.93
C GLY A 95 1.22 3.50 -9.90
N ILE A 96 1.06 4.43 -8.96
CA ILE A 96 -0.18 5.22 -8.91
C ILE A 96 -0.49 5.88 -10.26
N TYR A 97 0.54 6.26 -11.00
CA TYR A 97 0.32 6.89 -12.30
C TYR A 97 -0.23 5.94 -13.35
N LYS A 98 0.17 4.68 -13.29
CA LYS A 98 -0.39 3.67 -14.16
C LYS A 98 -1.83 3.35 -13.78
N ILE A 99 -2.09 3.27 -12.48
CA ILE A 99 -3.46 3.08 -12.00
C ILE A 99 -4.35 4.23 -12.50
N GLN A 100 -3.83 5.45 -12.40
CA GLN A 100 -4.55 6.63 -12.86
C GLN A 100 -4.85 6.56 -14.35
N GLU A 101 -3.85 6.20 -15.14
CA GLU A 101 -4.04 6.10 -16.59
C GLU A 101 -5.06 5.04 -16.95
N ASP A 102 -4.96 3.86 -16.33
CA ASP A 102 -5.81 2.72 -16.69
C ASP A 102 -7.25 2.90 -16.24
N LEU A 103 -7.42 3.38 -15.00
CA LEU A 103 -8.71 3.36 -14.33
C LEU A 103 -9.36 4.72 -14.17
N ASP A 104 -8.69 5.78 -14.61
CA ASP A 104 -9.20 7.15 -14.44
C ASP A 104 -9.42 7.48 -12.96
N LEU A 105 -8.50 6.99 -12.13
CA LEU A 105 -8.54 7.29 -10.70
C LEU A 105 -7.90 8.64 -10.44
N HIS A 106 -8.68 9.56 -9.89
CA HIS A 106 -8.17 10.90 -9.59
C HIS A 106 -8.37 11.34 -8.16
N ASP A 107 -9.03 10.51 -7.35
CA ASP A 107 -9.24 10.84 -5.95
C ASP A 107 -7.91 10.94 -5.22
N SER A 108 -7.62 12.13 -4.71
CA SER A 108 -6.31 12.39 -4.10
C SER A 108 -6.04 11.55 -2.86
N GLU A 109 -7.06 11.29 -2.06
CA GLU A 109 -6.90 10.49 -0.86
C GLU A 109 -6.56 9.04 -1.17
N ILE A 110 -7.32 8.43 -2.08
CA ILE A 110 -7.06 7.06 -2.49
C ILE A 110 -5.67 6.96 -3.13
N LEU A 111 -5.34 7.91 -4.01
CA LEU A 111 -4.05 7.89 -4.68
C LEU A 111 -2.89 7.95 -3.69
N ARG A 112 -3.02 8.83 -2.69
CA ARG A 112 -1.95 8.98 -1.70
C ARG A 112 -1.78 7.71 -0.86
N ALA A 113 -2.88 7.07 -0.48
CA ALA A 113 -2.81 5.84 0.33
C ALA A 113 -2.12 4.71 -0.42
N ILE A 114 -2.36 4.61 -1.72
CA ILE A 114 -1.66 3.63 -2.54
C ILE A 114 -0.19 4.03 -2.68
N GLU A 115 0.05 5.32 -2.92
CA GLU A 115 1.39 5.83 -3.19
C GLU A 115 2.41 5.43 -2.11
N ILE A 116 1.99 5.58 -0.85
CA ILE A 116 2.92 5.37 0.27
C ILE A 116 2.66 4.06 1.01
N HIS A 117 1.93 3.13 0.39
CA HIS A 117 1.55 1.91 1.11
C HIS A 117 2.74 1.05 1.52
N THR A 118 3.87 1.20 0.83
CA THR A 118 5.07 0.42 1.15
C THR A 118 5.96 1.16 2.13
N VAL A 119 6.22 2.43 1.87
CA VAL A 119 7.22 3.19 2.62
C VAL A 119 6.65 4.09 3.72
N GLY A 120 5.33 4.32 3.70
CA GLY A 120 4.70 5.28 4.60
C GLY A 120 5.17 6.70 4.37
N ALA A 121 4.89 7.56 5.34
CA ALA A 121 5.46 8.91 5.40
C ALA A 121 5.46 9.37 6.85
N GLY A 122 6.19 10.44 7.12
CA GLY A 122 6.23 11.06 8.45
C GLY A 122 4.87 11.54 8.91
N GLN A 123 4.06 11.98 7.96
CA GLN A 123 2.67 12.35 8.19
C GLN A 123 1.81 11.46 7.34
N MET A 124 0.85 10.78 7.96
CA MET A 124 -0.02 9.83 7.26
C MET A 124 -1.44 10.11 7.68
N THR A 125 -2.35 10.14 6.71
CA THR A 125 -3.77 10.25 7.04
C THR A 125 -4.22 8.92 7.60
N ASP A 126 -5.38 8.90 8.26
CA ASP A 126 -5.92 7.62 8.73
C ASP A 126 -6.15 6.62 7.60
N LEU A 127 -6.57 7.11 6.43
CA LEU A 127 -6.69 6.23 5.28
C LEU A 127 -5.34 5.63 4.90
N ASP A 128 -4.30 6.46 4.85
CA ASP A 128 -2.94 5.96 4.57
C ASP A 128 -2.57 4.84 5.52
N LYS A 129 -2.82 5.08 6.82
CA LYS A 129 -2.46 4.11 7.85
C LYS A 129 -3.25 2.82 7.71
N VAL A 130 -4.55 2.94 7.42
CA VAL A 130 -5.39 1.77 7.19
C VAL A 130 -4.83 0.87 6.07
N ILE A 131 -4.41 1.47 4.96
CA ILE A 131 -3.90 0.70 3.84
C ILE A 131 -2.53 0.08 4.16
N TYR A 132 -1.67 0.89 4.77
CA TYR A 132 -0.34 0.46 5.17
C TYR A 132 -0.42 -0.76 6.11
N VAL A 133 -1.38 -0.74 7.03
CA VAL A 133 -1.53 -1.85 7.98
C VAL A 133 -2.29 -3.03 7.36
N ALA A 134 -3.37 -2.75 6.62
CA ALA A 134 -4.16 -3.82 5.99
C ALA A 134 -3.29 -4.71 5.12
N ASP A 135 -2.35 -4.09 4.41
CA ASP A 135 -1.41 -4.81 3.55
C ASP A 135 -0.64 -5.86 4.35
N TYR A 136 -0.30 -5.49 5.59
CA TYR A 136 0.57 -6.29 6.44
C TYR A 136 -0.18 -7.40 7.17
N ILE A 137 -1.46 -7.17 7.48
CA ILE A 137 -2.21 -8.10 8.34
C ILE A 137 -3.29 -8.90 7.63
N GLU A 138 -3.46 -8.71 6.31
CA GLU A 138 -4.55 -9.39 5.61
C GLU A 138 -4.45 -10.92 5.82
N HIS A 139 -5.61 -11.57 5.82
N HIS A 139 -5.63 -11.53 5.86
CA HIS A 139 -5.73 -12.98 6.25
CA HIS A 139 -5.81 -12.96 6.19
C HIS A 139 -4.83 -13.99 5.55
C HIS A 139 -4.85 -13.96 5.55
N ASN A 140 -4.40 -13.71 4.33
CA ASN A 140 -3.51 -14.64 3.65
C ASN A 140 -2.06 -14.58 4.14
N ARG A 141 -1.66 -13.48 4.76
CA ARG A 141 -0.28 -13.34 5.28
C ARG A 141 0.00 -14.36 6.37
N ALA A 142 1.18 -14.94 6.36
CA ALA A 142 1.46 -15.99 7.34
C ALA A 142 2.78 -15.85 8.10
N PHE A 143 3.54 -14.78 7.85
CA PHE A 143 4.87 -14.57 8.38
C PHE A 143 4.95 -14.59 9.92
N PRO A 144 6.10 -14.97 10.49
CA PRO A 144 6.17 -15.06 11.94
C PRO A 144 5.98 -13.69 12.57
N GLY A 145 5.04 -13.59 13.50
CA GLY A 145 4.75 -12.32 14.14
C GLY A 145 3.54 -11.61 13.57
N VAL A 146 2.99 -12.12 12.47
CA VAL A 146 1.74 -11.55 11.96
C VAL A 146 0.61 -11.54 13.02
N ASP A 147 0.64 -12.52 13.93
CA ASP A 147 -0.33 -12.58 15.01
C ASP A 147 -0.19 -11.37 15.94
N VAL A 148 1.03 -10.94 16.17
CA VAL A 148 1.28 -9.77 17.02
C VAL A 148 0.75 -8.51 16.31
N ALA A 149 1.06 -8.37 15.01
CA ALA A 149 0.57 -7.24 14.23
C ALA A 149 -0.95 -7.18 14.25
N ARG A 150 -1.59 -8.35 14.14
CA ARG A 150 -3.06 -8.40 14.15
C ARG A 150 -3.62 -7.97 15.49
N GLU A 151 -2.99 -8.40 16.59
CA GLU A 151 -3.46 -7.99 17.91
C GLU A 151 -3.35 -6.49 18.08
N ILE A 152 -2.19 -5.94 17.72
CA ILE A 152 -1.96 -4.51 17.85
C ILE A 152 -2.96 -3.71 17.01
N ALA A 153 -3.18 -4.16 15.78
CA ALA A 153 -4.11 -3.48 14.87
C ALA A 153 -5.56 -3.52 15.35
N SER A 154 -5.90 -4.46 16.24
CA SER A 154 -7.23 -4.48 16.83
C SER A 154 -7.44 -3.37 17.86
N LEU A 155 -6.35 -2.76 18.33
CA LEU A 155 -6.37 -1.79 19.43
C LEU A 155 -5.93 -0.39 19.04
N SER A 156 -4.94 -0.28 18.17
CA SER A 156 -4.35 1.02 17.88
C SER A 156 -3.79 1.05 16.47
N LEU A 157 -4.36 1.93 15.65
CA LEU A 157 -3.87 2.11 14.29
C LEU A 157 -2.43 2.63 14.27
N ASN A 158 -2.16 3.62 15.12
CA ASN A 158 -0.82 4.21 15.19
C ASN A 158 0.23 3.23 15.67
N LYS A 159 -0.11 2.44 16.69
CA LYS A 159 0.83 1.44 17.16
C LYS A 159 1.06 0.35 16.11
N ALA A 160 0.03 0.03 15.32
CA ALA A 160 0.21 -0.97 14.26
C ALA A 160 1.16 -0.45 13.17
N VAL A 161 1.03 0.83 12.81
CA VAL A 161 1.97 1.45 11.87
C VAL A 161 3.39 1.37 12.44
N ALA A 162 3.54 1.75 13.70
CA ALA A 162 4.84 1.75 14.38
C ALA A 162 5.48 0.35 14.36
N TYR A 163 4.68 -0.65 14.71
CA TYR A 163 5.16 -2.02 14.78
C TYR A 163 5.58 -2.53 13.41
N GLU A 164 4.72 -2.33 12.41
CA GLU A 164 5.05 -2.76 11.05
C GLU A 164 6.34 -2.11 10.57
N THR A 165 6.47 -0.81 10.81
CA THR A 165 7.62 -0.08 10.30
C THR A 165 8.92 -0.54 10.97
N ALA A 166 8.85 -0.73 12.28
CA ALA A 166 10.02 -1.22 13.04
C ALA A 166 10.44 -2.60 12.54
N ARG A 167 9.48 -3.50 12.36
CA ARG A 167 9.79 -4.85 11.86
C ARG A 167 10.38 -4.81 10.45
N THR A 168 9.88 -3.90 9.63
CA THR A 168 10.38 -3.77 8.27
C THR A 168 11.81 -3.24 8.22
N VAL A 169 12.08 -2.20 8.99
CA VAL A 169 13.44 -1.67 9.08
C VAL A 169 14.38 -2.75 9.62
N GLU A 170 13.95 -3.42 10.69
CA GLU A 170 14.74 -4.51 11.27
C GLU A 170 15.05 -5.60 10.24
N TYR A 171 14.03 -6.03 9.50
CA TYR A 171 14.23 -7.07 8.53
C TYR A 171 15.10 -6.65 7.36
N LEU A 172 14.91 -5.45 6.85
CA LEU A 172 15.74 -5.00 5.73
C LEU A 172 17.21 -4.97 6.14
N ALA A 173 17.49 -4.47 7.34
CA ALA A 173 18.87 -4.44 7.82
C ALA A 173 19.39 -5.86 8.08
N HIS A 174 18.52 -6.72 8.62
CA HIS A 174 18.86 -8.14 8.81
C HIS A 174 19.29 -8.78 7.49
N GLN A 175 18.57 -8.45 6.42
CA GLN A 175 18.82 -9.04 5.10
C GLN A 175 19.95 -8.37 4.35
N GLY A 176 20.32 -7.15 4.77
CA GLY A 176 21.35 -6.38 4.08
C GLY A 176 20.85 -5.73 2.80
N PHE A 177 19.59 -5.28 2.80
CA PHE A 177 18.98 -4.54 1.67
C PHE A 177 18.98 -3.05 1.93
N PRO A 178 19.15 -2.23 0.87
CA PRO A 178 19.03 -0.78 1.02
C PRO A 178 17.64 -0.39 1.53
N ILE A 179 17.59 0.66 2.35
CA ILE A 179 16.34 1.13 2.93
C ILE A 179 16.02 2.50 2.35
N TYR A 180 14.91 2.57 1.61
CA TYR A 180 14.47 3.84 1.06
C TYR A 180 14.27 4.83 2.19
N PRO A 181 14.85 6.04 2.09
CA PRO A 181 14.86 6.93 3.25
C PRO A 181 13.49 7.36 3.77
N GLN A 182 12.47 7.40 2.92
CA GLN A 182 11.13 7.76 3.42
C GLN A 182 10.65 6.80 4.50
N THR A 183 11.05 5.53 4.41
CA THR A 183 10.74 4.57 5.46
C THR A 183 11.29 4.97 6.82
N LEU A 184 12.48 5.55 6.85
CA LEU A 184 13.03 6.02 8.12
C LEU A 184 12.24 7.20 8.68
N GLU A 185 11.74 8.04 7.79
CA GLU A 185 10.92 9.16 8.17
C GLU A 185 9.69 8.63 8.89
N THR A 186 9.06 7.61 8.33
CA THR A 186 7.91 6.97 8.95
C THR A 186 8.31 6.35 10.29
N TYR A 187 9.40 5.60 10.27
CA TYR A 187 9.90 4.92 11.47
C TYR A 187 10.09 5.91 12.63
N ASN A 188 10.83 6.98 12.39
CA ASN A 188 11.11 7.94 13.47
C ASN A 188 9.87 8.68 13.91
N ALA A 189 8.91 8.88 13.01
CA ALA A 189 7.69 9.59 13.38
C ALA A 189 6.77 8.74 14.26
N PHE A 190 6.78 7.42 14.05
CA PHE A 190 5.85 6.52 14.71
C PHE A 190 6.41 5.67 15.84
N VAL A 191 7.73 5.54 15.92
CA VAL A 191 8.33 4.59 16.87
C VAL A 191 7.89 4.84 18.34
N HIS A 192 7.61 6.08 18.69
CA HIS A 192 7.15 6.39 20.06
C HIS A 192 5.87 5.64 20.45
N TYR A 193 5.02 5.30 19.47
CA TYR A 193 3.80 4.55 19.78
C TYR A 193 4.05 3.14 20.33
N LEU A 194 5.26 2.63 20.15
CA LEU A 194 5.63 1.32 20.70
C LEU A 194 5.77 1.34 22.21
N LYS A 195 5.67 2.63 22.91
CA LYS A 195 5.78 2.59 24.37
C LYS A 195 4.45 2.34 25.08
PB ADP B . 3.72 -6.24 -0.88
O1B ADP B . 4.74 -7.36 -0.96
O2B ADP B . 2.34 -6.76 -0.55
O3B ADP B . 3.70 -5.34 -2.11
PA ADP B . 4.94 -3.94 0.44
O1A ADP B . 4.73 -3.28 1.79
O2A ADP B . 4.62 -3.09 -0.76
O3A ADP B . 4.11 -5.34 0.41
O5' ADP B . 6.49 -4.31 0.38
C5' ADP B . 7.06 -4.98 -0.74
C4' ADP B . 8.55 -5.18 -0.46
O4' ADP B . 9.18 -3.90 -0.29
C3' ADP B . 8.81 -6.04 0.77
O3' ADP B . 9.78 -7.05 0.45
C2' ADP B . 9.40 -5.01 1.70
O2' ADP B . 10.37 -5.60 2.52
C1' ADP B . 10.09 -4.01 0.78
N9 ADP B . 10.34 -2.71 1.40
C8 ADP B . 9.58 -2.11 2.31
N7 ADP B . 10.13 -0.94 2.67
C5 ADP B . 11.26 -0.79 1.97
C6 ADP B . 12.32 0.21 1.88
N6 ADP B . 12.30 1.34 2.61
N1 ADP B . 13.33 -0.03 1.02
C2 ADP B . 13.39 -1.15 0.28
N3 ADP B . 12.45 -2.10 0.31
C4 ADP B . 11.40 -1.97 1.13
FE FE C . 2.94 -3.46 -2.20
FE FE D . 0.58 -5.67 -0.72
#